data_7VTO
#
_entry.id   7VTO
#
_cell.length_a   63.531
_cell.length_b   81.815
_cell.length_c   66.269
_cell.angle_alpha   90.000
_cell.angle_beta   106.067
_cell.angle_gamma   90.000
#
_symmetry.space_group_name_H-M   'P 1 21 1'
#
loop_
_entity.id
_entity.type
_entity.pdbx_description
1 polymer 'Serine/threonine-protein kinase PAK 1'
2 non-polymer 4-[(7-OXO-7H-THIAZOLO[5,4-E]INDOL-8-YLMETHYL)-AMINO]-N-PYRIDIN-2-YL-BENZENESULFONAMIDE
3 water water
#
_entity_poly.entity_id   1
_entity_poly.type   'polypeptide(L)'
_entity_poly.pdbx_seq_one_letter_code
;GSDEEILEKLRSIVSVGDPKKKYTRFEKIGQGASGTVYTAMDVATGQEVAIKQMNLQQQPKKELIINEILVMRENKNPNI
VNYLDSYLVGDELWVVMEYLAGGSLTDVVTETCMDEGQIAAVCRECLQALEFLHSNQVIHRNIKSDNILLGMDGSVKLTD
FGFCAQITPEQSKRS(TPO)MVGTPYWMAPEVVTRKAYGPKVDIWSLGIMAIEMIEGEPPYLNENPLRALYLIATNGTPE
LQNPEKLSAIFRDFLNRCLEMDVEKRGSAKELLQHQFLKIAKPLSSLTPLIAAAKEATKNNHGNS
;
_entity_poly.pdbx_strand_id   A,B
#
loop_
_chem_comp.id
_chem_comp.type
_chem_comp.name
_chem_comp.formula
107 non-polymer 4-[(7-OXO-7H-THIAZOLO[5,4-E]INDOL-8-YLMETHYL)-AMINO]-N-PYRIDIN-2-YL-BENZENESULFONAMIDE 'C21 H15 N5 O3 S2'
#
# COMPACT_ATOMS: atom_id res chain seq x y z
N LEU A 10 -2.02 -13.98 18.39
CA LEU A 10 -2.52 -14.32 17.08
C LEU A 10 -4.01 -14.62 17.17
N ARG A 11 -4.36 -15.90 17.13
CA ARG A 11 -5.75 -16.36 17.25
C ARG A 11 -6.21 -15.97 18.64
N SER A 12 -5.27 -15.97 19.56
CA SER A 12 -5.47 -15.60 20.94
C SER A 12 -6.57 -14.57 21.21
N ILE A 13 -6.75 -13.59 20.34
CA ILE A 13 -7.78 -12.60 20.60
C ILE A 13 -8.61 -12.49 19.35
N VAL A 14 -9.82 -12.99 19.43
CA VAL A 14 -10.74 -13.02 18.33
C VAL A 14 -12.15 -13.25 18.84
N LYS A 28 -22.82 -3.50 1.15
CA LYS A 28 -21.36 -3.23 0.99
C LYS A 28 -21.02 -1.77 0.66
N ILE A 29 -20.37 -1.09 1.60
CA ILE A 29 -19.89 0.30 1.31
C ILE A 29 -18.38 0.21 1.06
N GLY A 30 -17.90 -1.00 0.74
CA GLY A 30 -16.47 -1.26 0.55
C GLY A 30 -15.91 -0.67 -0.72
N GLN A 31 -14.80 0.05 -0.54
CA GLN A 31 -14.00 0.67 -1.58
C GLN A 31 -12.75 -0.18 -1.44
N GLY A 32 -11.86 -0.23 -2.44
CA GLY A 32 -10.72 -1.12 -2.32
C GLY A 32 -9.93 -0.81 -1.06
N ALA A 33 -9.63 0.46 -0.81
CA ALA A 33 -8.96 0.81 0.42
C ALA A 33 -7.73 -0.08 0.74
N SER A 34 -7.70 -0.59 1.97
CA SER A 34 -6.68 -1.49 2.47
C SER A 34 -7.60 -2.54 3.06
N GLY A 35 -8.31 -3.19 2.15
CA GLY A 35 -9.33 -4.21 2.46
C GLY A 35 -10.70 -3.64 2.12
N THR A 36 -11.79 -4.29 2.51
CA THR A 36 -13.11 -3.71 2.12
C THR A 36 -14.02 -3.52 3.35
N VAL A 37 -15.09 -2.74 3.18
CA VAL A 37 -16.06 -2.40 4.22
C VAL A 37 -17.45 -2.75 3.74
N TYR A 38 -18.28 -3.21 4.68
CA TYR A 38 -19.68 -3.53 4.43
C TYR A 38 -20.49 -3.06 5.63
N THR A 39 -21.80 -3.23 5.56
CA THR A 39 -22.67 -2.87 6.67
C THR A 39 -23.64 -4.01 7.00
N ALA A 40 -24.22 -3.95 8.19
CA ALA A 40 -25.18 -4.94 8.62
C ALA A 40 -25.93 -4.41 9.84
N MET A 41 -26.78 -5.25 10.41
CA MET A 41 -27.63 -4.87 11.53
C MET A 41 -27.58 -5.91 12.64
N ASP A 42 -27.75 -5.46 13.88
CA ASP A 42 -27.85 -6.36 15.01
C ASP A 42 -29.21 -7.05 15.02
N VAL A 43 -29.20 -8.38 15.16
CA VAL A 43 -30.45 -9.12 15.15
C VAL A 43 -31.25 -8.83 16.41
N ALA A 44 -30.60 -8.88 17.57
CA ALA A 44 -31.34 -8.84 18.83
C ALA A 44 -31.71 -7.42 19.24
N THR A 45 -30.78 -6.48 19.11
CA THR A 45 -31.02 -5.10 19.56
C THR A 45 -31.26 -4.12 18.42
N GLY A 46 -30.89 -4.47 17.18
CA GLY A 46 -31.15 -3.61 16.05
C GLY A 46 -30.05 -2.62 15.72
N GLN A 47 -28.90 -2.68 16.38
CA GLN A 47 -27.81 -1.78 16.06
C GLN A 47 -27.31 -2.03 14.64
N GLU A 48 -27.01 -0.94 13.94
CA GLU A 48 -26.35 -1.03 12.64
C GLU A 48 -24.84 -0.95 12.84
N VAL A 49 -24.11 -1.79 12.10
CA VAL A 49 -22.68 -1.96 12.30
C VAL A 49 -21.98 -1.96 10.94
N ALA A 50 -20.69 -1.64 10.96
CA ALA A 50 -19.84 -1.65 9.79
C ALA A 50 -18.73 -2.66 9.97
N ILE A 51 -18.43 -3.40 8.91
CA ILE A 51 -17.53 -4.56 8.99
C ILE A 51 -16.43 -4.40 7.97
N LYS A 52 -15.20 -4.27 8.45
CA LYS A 52 -14.01 -4.37 7.61
C LYS A 52 -13.72 -5.84 7.35
N GLN A 53 -13.31 -6.13 6.12
CA GLN A 53 -12.97 -7.50 5.75
C GLN A 53 -11.48 -7.62 5.48
N PRO A 60 -1.65 -8.34 4.86
CA PRO A 60 -0.26 -8.02 4.54
C PRO A 60 0.64 -8.01 5.78
N LYS A 61 0.32 -7.19 6.77
CA LYS A 61 1.10 -7.10 8.00
C LYS A 61 0.16 -7.37 9.17
N LYS A 62 0.16 -8.63 9.63
CA LYS A 62 -0.77 -9.06 10.67
C LYS A 62 -0.34 -8.61 12.07
N GLU A 63 0.95 -8.42 12.31
CA GLU A 63 1.41 -7.96 13.62
C GLU A 63 0.78 -6.62 13.99
N LEU A 64 0.75 -5.68 13.04
CA LEU A 64 0.02 -4.45 13.23
C LEU A 64 -1.44 -4.72 13.55
N ILE A 65 -2.01 -5.77 12.97
CA ILE A 65 -3.39 -6.11 13.27
C ILE A 65 -3.54 -6.49 14.74
N ILE A 66 -2.62 -7.30 15.26
CA ILE A 66 -2.67 -7.67 16.67
C ILE A 66 -2.63 -6.43 17.54
N ASN A 67 -1.65 -5.56 17.28
CA ASN A 67 -1.55 -4.31 18.03
C ASN A 67 -2.84 -3.52 17.93
N GLU A 68 -3.44 -3.48 16.74
CA GLU A 68 -4.62 -2.66 16.52
C GLU A 68 -5.79 -3.15 17.36
N ILE A 69 -6.14 -4.43 17.27
CA ILE A 69 -7.27 -4.92 18.10
C ILE A 69 -6.98 -4.74 19.58
N LEU A 70 -5.76 -5.08 20.03
CA LEU A 70 -5.47 -4.88 21.45
C LEU A 70 -5.72 -3.44 21.87
N VAL A 71 -5.21 -2.48 21.10
CA VAL A 71 -5.34 -1.09 21.52
C VAL A 71 -6.81 -0.65 21.49
N MET A 72 -7.52 -1.08 20.44
CA MET A 72 -8.93 -0.67 20.28
C MET A 72 -9.79 -1.19 21.43
N ARG A 73 -9.68 -2.47 21.75
CA ARG A 73 -10.55 -3.09 22.79
C ARG A 73 -10.36 -2.47 24.17
N GLU A 74 -9.15 -2.03 24.50
CA GLU A 74 -8.93 -1.50 25.87
C GLU A 74 -9.00 0.02 25.91
N ASN A 75 -9.41 0.68 24.83
CA ASN A 75 -9.39 2.13 24.83
C ASN A 75 -10.71 2.70 24.31
N LYS A 76 -11.81 2.23 24.87
CA LYS A 76 -13.13 2.67 24.44
C LYS A 76 -13.47 4.02 25.05
N ASN A 77 -14.13 4.86 24.25
CA ASN A 77 -14.42 6.24 24.63
C ASN A 77 -15.51 6.74 23.70
N PRO A 78 -16.38 7.65 24.16
CA PRO A 78 -17.44 8.14 23.28
C PRO A 78 -16.95 8.79 22.00
N ASN A 79 -15.73 9.31 22.03
CA ASN A 79 -15.16 10.04 20.87
C ASN A 79 -14.26 9.14 20.03
N ILE A 80 -14.39 7.82 20.19
CA ILE A 80 -13.58 6.89 19.37
C ILE A 80 -14.54 5.91 18.72
N VAL A 81 -14.34 5.60 17.44
CA VAL A 81 -15.25 4.61 16.79
C VAL A 81 -15.02 3.36 17.62
N ASN A 82 -16.06 2.85 18.25
CA ASN A 82 -15.88 1.69 19.16
C ASN A 82 -15.73 0.37 18.40
N TYR A 83 -14.77 -0.46 18.80
CA TYR A 83 -14.50 -1.77 18.15
C TYR A 83 -15.51 -2.79 18.69
N LEU A 84 -16.37 -3.34 17.85
CA LEU A 84 -17.34 -4.32 18.33
C LEU A 84 -16.83 -5.75 18.52
N ASP A 85 -16.38 -6.39 17.45
CA ASP A 85 -15.86 -7.75 17.58
C ASP A 85 -14.95 -8.10 16.43
N SER A 86 -14.48 -9.33 16.39
CA SER A 86 -13.59 -9.75 15.33
C SER A 86 -13.80 -11.20 14.97
N TYR A 87 -13.41 -11.58 13.77
CA TYR A 87 -13.54 -12.94 13.30
C TYR A 87 -12.49 -13.23 12.27
N LEU A 93 -9.67 -12.09 7.60
CA LEU A 93 -9.68 -11.20 8.76
C LEU A 93 -10.84 -10.27 8.63
N TRP A 94 -11.63 -10.15 9.69
CA TRP A 94 -12.79 -9.29 9.71
C TRP A 94 -12.80 -8.50 10.99
N VAL A 95 -13.48 -7.37 10.98
CA VAL A 95 -13.58 -6.54 12.16
C VAL A 95 -14.93 -5.85 12.13
N VAL A 96 -15.65 -5.92 13.23
CA VAL A 96 -16.96 -5.29 13.32
C VAL A 96 -16.87 -4.11 14.29
N MET A 97 -17.23 -2.92 13.80
CA MET A 97 -17.17 -1.70 14.57
C MET A 97 -18.47 -0.94 14.36
N GLU A 98 -18.71 0.09 15.18
CA GLU A 98 -20.01 0.82 15.24
C GLU A 98 -20.41 1.57 13.98
N TYR A 99 -21.69 1.96 13.91
CA TYR A 99 -22.22 2.66 12.71
C TYR A 99 -22.46 4.17 12.86
N LEU A 100 -21.86 4.89 11.92
CA LEU A 100 -21.86 6.34 11.63
C LEU A 100 -22.13 6.47 10.14
N ALA A 101 -23.26 7.06 9.77
CA ALA A 101 -23.62 7.13 8.33
C ALA A 101 -23.30 8.51 7.77
N GLY A 102 -22.72 9.39 8.59
CA GLY A 102 -22.42 10.74 8.12
C GLY A 102 -21.16 10.84 7.29
N GLY A 103 -20.37 9.77 7.23
CA GLY A 103 -19.17 9.79 6.43
C GLY A 103 -17.99 10.35 7.18
N SER A 104 -16.93 10.63 6.42
CA SER A 104 -15.71 11.15 7.01
C SER A 104 -15.66 12.67 6.90
N LEU A 105 -14.80 13.26 7.73
CA LEU A 105 -14.59 14.70 7.72
C LEU A 105 -13.91 15.16 6.44
N THR A 106 -13.28 14.24 5.70
CA THR A 106 -12.57 14.63 4.48
C THR A 106 -13.53 15.15 3.42
N ASP A 107 -14.67 14.47 3.25
CA ASP A 107 -15.67 14.96 2.31
C ASP A 107 -16.17 16.34 2.72
N VAL A 108 -16.33 16.58 4.01
CA VAL A 108 -16.78 17.87 4.50
C VAL A 108 -15.76 18.95 4.20
N VAL A 109 -14.49 18.70 4.52
CA VAL A 109 -13.50 19.76 4.35
C VAL A 109 -13.13 19.96 2.90
N THR A 110 -13.39 18.97 2.04
CA THR A 110 -13.08 19.15 0.64
C THR A 110 -14.27 19.61 -0.19
N GLU A 111 -15.48 19.57 0.36
CA GLU A 111 -16.65 19.98 -0.39
C GLU A 111 -17.46 21.08 0.26
N THR A 112 -17.11 21.51 1.48
CA THR A 112 -17.89 22.52 2.19
C THR A 112 -16.97 23.57 2.78
N CYS A 113 -17.58 24.70 3.10
CA CYS A 113 -16.93 25.77 3.84
C CYS A 113 -17.39 25.69 5.29
N MET A 114 -16.44 25.59 6.21
CA MET A 114 -16.73 25.48 7.63
C MET A 114 -16.46 26.82 8.30
N ASP A 115 -17.28 27.16 9.28
CA ASP A 115 -17.03 28.37 10.04
C ASP A 115 -16.35 28.02 11.37
N GLU A 116 -15.90 29.05 12.06
CA GLU A 116 -15.06 28.83 13.25
C GLU A 116 -15.80 28.04 14.32
N GLY A 117 -17.12 28.19 14.42
CA GLY A 117 -17.85 27.43 15.42
C GLY A 117 -17.84 25.94 15.15
N GLN A 118 -18.08 25.55 13.90
CA GLN A 118 -18.05 24.15 13.53
C GLN A 118 -16.66 23.56 13.71
N ILE A 119 -15.64 24.32 13.30
CA ILE A 119 -14.26 23.88 13.46
C ILE A 119 -13.93 23.69 14.92
N ALA A 120 -14.38 24.63 15.77
CA ALA A 120 -14.11 24.52 17.19
C ALA A 120 -14.78 23.28 17.78
N ALA A 121 -16.00 22.98 17.35
CA ALA A 121 -16.68 21.79 17.87
C ALA A 121 -15.93 20.52 17.48
N VAL A 122 -15.51 20.43 16.22
CA VAL A 122 -14.76 19.25 15.78
C VAL A 122 -13.45 19.13 16.54
N CYS A 123 -12.75 20.26 16.69
CA CYS A 123 -11.47 20.25 17.39
C CYS A 123 -11.64 19.83 18.83
N ARG A 124 -12.74 20.26 19.47
N ARG A 124 -12.72 20.27 19.48
CA ARG A 124 -12.96 19.88 20.86
CA ARG A 124 -12.97 19.87 20.86
C ARG A 124 -13.22 18.38 20.99
C ARG A 124 -13.21 18.38 20.97
N GLU A 125 -14.01 17.82 20.07
CA GLU A 125 -14.25 16.38 20.12
C GLU A 125 -12.94 15.60 19.92
N CYS A 126 -12.14 16.03 18.94
CA CYS A 126 -10.88 15.35 18.69
C CYS A 126 -9.92 15.50 19.84
N LEU A 127 -9.92 16.66 20.50
CA LEU A 127 -9.06 16.87 21.65
C LEU A 127 -9.51 16.03 22.84
N GLN A 128 -10.81 15.82 22.98
CA GLN A 128 -11.29 14.92 24.03
C GLN A 128 -10.79 13.51 23.79
N ALA A 129 -10.88 13.05 22.54
CA ALA A 129 -10.34 11.73 22.22
C ALA A 129 -8.84 11.65 22.46
N LEU A 130 -8.11 12.70 22.07
CA LEU A 130 -6.66 12.69 22.23
C LEU A 130 -6.26 12.70 23.70
N GLU A 131 -7.00 13.45 24.53
CA GLU A 131 -6.74 13.43 25.96
C GLU A 131 -6.95 12.04 26.53
N PHE A 132 -8.04 11.38 26.13
CA PHE A 132 -8.27 10.03 26.61
C PHE A 132 -7.15 9.09 26.22
N LEU A 133 -6.71 9.14 24.96
CA LEU A 133 -5.65 8.24 24.50
C LEU A 133 -4.33 8.53 25.19
N HIS A 134 -3.95 9.80 25.26
CA HIS A 134 -2.66 10.15 25.84
C HIS A 134 -2.62 9.82 27.32
N SER A 135 -3.75 9.97 28.02
CA SER A 135 -3.79 9.54 29.41
C SER A 135 -3.59 8.04 29.55
N ASN A 136 -3.82 7.29 28.47
CA ASN A 136 -3.61 5.85 28.45
C ASN A 136 -2.31 5.47 27.76
N GLN A 137 -1.41 6.43 27.55
CA GLN A 137 -0.10 6.18 26.97
C GLN A 137 -0.19 5.57 25.58
N VAL A 138 -1.11 6.06 24.76
CA VAL A 138 -1.29 5.62 23.38
C VAL A 138 -1.15 6.84 22.48
N ILE A 139 -0.34 6.73 21.44
CA ILE A 139 -0.19 7.79 20.45
C ILE A 139 -0.77 7.28 19.14
N HIS A 140 -1.75 8.02 18.61
CA HIS A 140 -2.42 7.59 17.38
C HIS A 140 -1.47 7.64 16.19
N ARG A 141 -0.83 8.78 16.02
CA ARG A 141 0.16 8.99 15.00
C ARG A 141 -0.37 9.12 13.59
N ASN A 142 -1.67 9.04 13.42
CA ASN A 142 -2.23 9.20 12.11
C ASN A 142 -3.48 10.03 12.09
N ILE A 143 -3.49 11.08 12.89
CA ILE A 143 -4.62 11.94 12.93
C ILE A 143 -4.70 12.69 11.63
N LYS A 144 -5.88 12.68 11.06
CA LYS A 144 -6.16 13.41 9.83
C LYS A 144 -7.66 13.35 9.60
N SER A 145 -8.14 14.18 8.68
CA SER A 145 -9.56 14.22 8.40
C SER A 145 -10.08 12.88 7.93
N ASP A 146 -9.23 12.09 7.28
CA ASP A 146 -9.64 10.78 6.79
C ASP A 146 -10.03 9.83 7.90
N ASN A 147 -9.47 10.01 9.10
CA ASN A 147 -9.70 9.11 10.22
C ASN A 147 -10.68 9.69 11.23
N ILE A 148 -11.47 10.67 10.81
CA ILE A 148 -12.56 11.20 11.61
C ILE A 148 -13.85 10.77 10.93
N LEU A 149 -14.76 10.21 11.70
CA LEU A 149 -16.05 9.78 11.20
C LEU A 149 -17.16 10.57 11.88
N LEU A 150 -18.26 10.74 11.17
CA LEU A 150 -19.35 11.62 11.59
C LEU A 150 -20.65 10.84 11.65
N GLY A 151 -21.41 11.04 12.71
CA GLY A 151 -22.75 10.52 12.76
C GLY A 151 -23.76 11.52 12.25
N MET A 152 -24.93 11.01 11.89
CA MET A 152 -26.01 11.90 11.45
C MET A 152 -26.46 12.85 12.54
N ASP A 153 -26.14 12.56 13.80
CA ASP A 153 -26.45 13.47 14.89
C ASP A 153 -25.40 14.53 15.09
N GLY A 154 -24.31 14.48 14.33
CA GLY A 154 -23.19 15.38 14.52
C GLY A 154 -22.07 14.82 15.35
N SER A 155 -22.08 13.52 15.64
CA SER A 155 -21.04 12.91 16.44
C SER A 155 -19.72 12.90 15.69
N VAL A 156 -18.64 13.22 16.39
CA VAL A 156 -17.31 13.25 15.83
C VAL A 156 -16.50 12.18 16.54
N LYS A 157 -15.98 11.22 15.79
CA LYS A 157 -15.27 10.09 16.38
C LYS A 157 -13.99 9.77 15.62
N LEU A 158 -13.04 9.15 16.32
CA LEU A 158 -11.73 8.84 15.77
C LEU A 158 -11.60 7.34 15.54
N THR A 159 -10.83 6.96 14.53
CA THR A 159 -10.59 5.56 14.17
C THR A 159 -9.21 5.39 13.54
N ASP A 160 -8.94 4.21 12.96
CA ASP A 160 -7.66 3.87 12.30
C ASP A 160 -6.51 3.87 13.31
N PHE A 161 -6.44 2.80 14.12
CA PHE A 161 -5.40 2.63 15.15
C PHE A 161 -4.24 1.80 14.61
N GLY A 162 -4.30 1.44 13.34
CA GLY A 162 -3.23 0.63 12.72
C GLY A 162 -1.85 1.21 12.92
N PHE A 163 -1.74 2.48 13.29
CA PHE A 163 -0.42 3.06 13.49
C PHE A 163 -0.15 3.41 14.94
N CYS A 164 -0.78 2.71 15.88
CA CYS A 164 -0.66 3.05 17.29
C CYS A 164 0.77 3.01 17.79
N ALA A 165 1.03 3.75 18.86
CA ALA A 165 2.24 3.61 19.65
C ALA A 165 1.84 3.52 21.11
N GLN A 166 1.90 2.31 21.66
CA GLN A 166 1.74 2.10 23.09
C GLN A 166 3.08 2.36 23.76
N ILE A 167 3.15 3.47 24.52
CA ILE A 167 4.40 3.87 25.21
C ILE A 167 4.31 3.49 26.68
N THR A 168 5.42 3.62 27.42
CA THR A 168 5.49 3.24 28.86
C THR A 168 6.39 4.22 29.60
N PRO A 169 6.47 4.19 30.93
CA PRO A 169 7.37 5.09 31.63
C PRO A 169 8.83 4.81 31.22
N GLU A 170 9.22 3.54 31.08
CA GLU A 170 10.61 3.19 30.67
C GLU A 170 10.90 3.61 29.23
N GLN A 171 9.98 3.34 28.30
CA GLN A 171 10.17 3.77 26.88
C GLN A 171 9.03 4.74 26.56
N SER A 172 9.22 6.03 26.72
CA SER A 172 8.16 7.00 26.49
C SER A 172 8.33 7.84 25.24
N LYS A 173 9.26 7.46 24.39
CA LYS A 173 9.53 8.20 23.19
C LYS A 173 9.67 7.22 22.05
N ARG A 174 9.59 7.71 20.83
CA ARG A 174 9.75 6.85 19.70
C ARG A 174 10.36 7.58 18.54
N SER A 175 11.06 6.87 17.69
CA SER A 175 11.68 7.51 16.55
C SER A 175 11.24 7.01 15.19
N TPO A 176 10.35 6.03 15.14
CA TPO A 176 9.93 5.52 13.85
CB TPO A 176 9.10 4.30 14.13
CG2 TPO A 176 9.68 3.13 13.39
OG1 TPO A 176 9.23 4.01 15.51
P TPO A 176 8.43 2.78 16.13
O1P TPO A 176 9.50 1.99 16.79
O2P TPO A 176 7.48 3.38 17.10
O3P TPO A 176 7.76 2.11 14.99
C TPO A 176 9.18 6.56 13.06
O TPO A 176 8.35 7.29 13.61
N MET A 177 9.47 6.64 11.78
CA MET A 177 8.84 7.60 10.89
C MET A 177 7.55 7.00 10.38
N VAL A 178 6.50 7.11 11.18
CA VAL A 178 5.24 6.54 10.80
C VAL A 178 4.14 7.58 10.73
N GLY A 179 3.19 7.37 9.82
CA GLY A 179 2.08 8.32 9.67
C GLY A 179 1.89 8.69 8.22
N THR A 180 1.12 9.75 7.97
CA THR A 180 0.89 10.22 6.62
C THR A 180 1.61 11.54 6.43
N PRO A 181 2.47 11.66 5.42
CA PRO A 181 3.46 12.75 5.35
C PRO A 181 2.96 14.16 5.66
N TYR A 182 1.88 14.58 5.01
CA TYR A 182 1.44 15.95 5.13
C TYR A 182 1.01 16.30 6.54
N TRP A 183 0.61 15.31 7.33
CA TRP A 183 0.16 15.53 8.70
C TRP A 183 1.24 15.24 9.74
N MET A 184 2.44 14.86 9.30
CA MET A 184 3.48 14.40 10.21
C MET A 184 4.22 15.57 10.83
N ALA A 185 4.45 15.49 12.13
CA ALA A 185 5.18 16.54 12.83
C ALA A 185 6.66 16.50 12.42
N PRO A 186 7.33 17.66 12.47
CA PRO A 186 8.74 17.70 12.03
C PRO A 186 9.65 16.80 12.85
N GLU A 187 9.39 16.66 14.15
CA GLU A 187 10.23 15.79 14.97
C GLU A 187 10.11 14.34 14.55
N VAL A 188 8.93 13.93 14.05
CA VAL A 188 8.80 12.59 13.49
C VAL A 188 9.57 12.48 12.18
N VAL A 189 9.50 13.50 11.34
CA VAL A 189 10.12 13.45 10.03
C VAL A 189 11.63 13.34 10.16
N THR A 190 12.20 14.12 11.07
CA THR A 190 13.64 14.12 11.30
C THR A 190 14.09 12.97 12.19
N ARG A 191 13.17 12.07 12.55
CA ARG A 191 13.47 10.89 13.35
C ARG A 191 14.11 11.26 14.69
N LYS A 192 13.70 12.38 15.25
CA LYS A 192 14.10 12.73 16.61
C LYS A 192 13.19 12.00 17.59
N ALA A 193 13.51 12.13 18.87
CA ALA A 193 12.68 11.52 19.90
C ALA A 193 11.39 12.30 20.02
N TYR A 194 10.26 11.65 19.72
CA TYR A 194 8.97 12.32 19.71
C TYR A 194 8.01 11.63 20.67
N GLY A 195 7.05 12.40 21.16
CA GLY A 195 6.09 11.92 22.11
C GLY A 195 4.68 12.10 21.64
N PRO A 196 3.73 12.08 22.58
CA PRO A 196 2.32 12.21 22.21
C PRO A 196 1.97 13.50 21.51
N LYS A 197 2.71 14.58 21.76
CA LYS A 197 2.33 15.87 21.22
C LYS A 197 2.39 15.93 19.71
N VAL A 198 3.00 14.94 19.05
CA VAL A 198 2.94 14.89 17.60
C VAL A 198 1.49 14.82 17.15
N ASP A 199 0.64 14.07 17.87
CA ASP A 199 -0.78 14.06 17.55
C ASP A 199 -1.33 15.48 17.57
N ILE A 200 -0.97 16.27 18.57
CA ILE A 200 -1.43 17.65 18.62
C ILE A 200 -1.04 18.37 17.34
N TRP A 201 0.21 18.22 16.91
CA TRP A 201 0.64 18.84 15.67
C TRP A 201 -0.25 18.41 14.52
N SER A 202 -0.51 17.10 14.42
CA SER A 202 -1.34 16.62 13.32
C SER A 202 -2.74 17.22 13.41
N LEU A 203 -3.25 17.38 14.62
CA LEU A 203 -4.55 18.00 14.78
C LEU A 203 -4.53 19.41 14.21
N GLY A 204 -3.46 20.16 14.46
CA GLY A 204 -3.33 21.47 13.87
C GLY A 204 -3.39 21.42 12.35
N ILE A 205 -2.72 20.43 11.76
CA ILE A 205 -2.79 20.28 10.31
C ILE A 205 -4.23 20.02 9.88
N MET A 206 -4.95 19.19 10.64
CA MET A 206 -6.35 18.96 10.33
C MET A 206 -7.14 20.26 10.39
N ALA A 207 -6.81 21.14 11.35
CA ALA A 207 -7.46 22.43 11.39
C ALA A 207 -7.22 23.22 10.11
N ILE A 208 -6.00 23.18 9.59
CA ILE A 208 -5.73 23.83 8.31
C ILE A 208 -6.59 23.21 7.23
N GLU A 209 -6.79 21.88 7.29
CA GLU A 209 -7.72 21.24 6.37
C GLU A 209 -9.09 21.88 6.44
N MET A 210 -9.58 22.14 7.65
CA MET A 210 -10.92 22.70 7.78
C MET A 210 -10.97 24.14 7.31
N ILE A 211 -9.82 24.80 7.21
CA ILE A 211 -9.79 26.17 6.75
C ILE A 211 -9.65 26.23 5.23
N GLU A 212 -8.69 25.51 4.68
CA GLU A 212 -8.29 25.68 3.30
C GLU A 212 -8.69 24.51 2.41
N GLY A 213 -9.17 23.42 2.99
CA GLY A 213 -9.61 22.26 2.24
C GLY A 213 -8.54 21.23 2.02
N GLU A 214 -7.29 21.55 2.32
CA GLU A 214 -6.16 20.67 2.08
C GLU A 214 -5.12 20.90 3.15
N PRO A 215 -4.31 19.90 3.45
CA PRO A 215 -3.15 20.13 4.29
C PRO A 215 -2.07 20.85 3.49
N PRO A 216 -1.12 21.49 4.16
CA PRO A 216 -0.04 22.16 3.43
C PRO A 216 0.75 21.19 2.57
N TYR A 217 1.13 21.67 1.38
CA TYR A 217 2.01 20.98 0.43
C TYR A 217 1.33 19.84 -0.31
N LEU A 218 -0.01 19.84 -0.40
CA LEU A 218 -0.70 18.69 -0.95
C LEU A 218 -0.42 18.48 -2.43
N ASN A 219 -0.19 19.56 -3.17
CA ASN A 219 0.10 19.39 -4.59
C ASN A 219 1.46 18.74 -4.81
N GLU A 220 2.34 18.81 -3.81
CA GLU A 220 3.66 18.22 -3.90
C GLU A 220 3.54 16.71 -3.72
N ASN A 221 4.57 15.97 -4.15
CA ASN A 221 4.55 14.55 -3.88
C ASN A 221 4.93 14.31 -2.43
N PRO A 222 4.63 13.13 -1.88
CA PRO A 222 4.86 12.93 -0.44
C PRO A 222 6.30 13.16 0.00
N LEU A 223 7.28 12.82 -0.83
CA LEU A 223 8.67 12.98 -0.41
C LEU A 223 9.09 14.44 -0.38
N ARG A 224 8.75 15.18 -1.43
CA ARG A 224 8.99 16.62 -1.38
C ARG A 224 8.24 17.26 -0.22
N ALA A 225 7.06 16.75 0.08
CA ALA A 225 6.31 17.25 1.23
C ALA A 225 7.06 17.00 2.52
N LEU A 226 7.66 15.83 2.66
CA LEU A 226 8.47 15.55 3.85
C LEU A 226 9.63 16.52 3.95
N TYR A 227 10.30 16.76 2.83
CA TYR A 227 11.43 17.69 2.85
C TYR A 227 10.98 19.11 3.20
N LEU A 228 9.83 19.53 2.67
CA LEU A 228 9.33 20.86 2.96
C LEU A 228 8.94 21.00 4.43
N ILE A 229 8.33 19.96 5.00
CA ILE A 229 8.05 19.99 6.43
C ILE A 229 9.34 20.11 7.21
N ALA A 230 10.38 19.38 6.79
CA ALA A 230 11.66 19.44 7.49
C ALA A 230 12.28 20.82 7.41
N THR A 231 12.22 21.48 6.25
CA THR A 231 13.00 22.68 6.03
C THR A 231 12.25 23.98 6.32
N ASN A 232 10.93 24.00 6.19
CA ASN A 232 10.16 25.20 6.48
C ASN A 232 9.69 25.27 7.92
N GLY A 233 9.28 24.15 8.50
CA GLY A 233 8.83 24.15 9.86
C GLY A 233 7.34 24.41 10.02
N THR A 234 6.99 25.43 10.79
CA THR A 234 5.60 25.77 11.00
C THR A 234 5.01 26.25 9.68
N PRO A 235 3.94 25.62 9.18
CA PRO A 235 3.42 26.00 7.88
C PRO A 235 2.71 27.34 7.95
N GLU A 236 2.69 28.03 6.81
CA GLU A 236 2.06 29.33 6.71
C GLU A 236 0.71 29.19 6.02
N LEU A 237 -0.26 29.94 6.50
CA LEU A 237 -1.59 29.91 5.93
C LEU A 237 -1.68 30.83 4.73
N GLN A 238 -2.47 30.42 3.74
CA GLN A 238 -2.64 31.23 2.54
C GLN A 238 -3.17 32.62 2.89
N ASN A 239 -4.23 32.68 3.69
CA ASN A 239 -4.84 33.95 4.09
C ASN A 239 -5.13 33.92 5.58
N PRO A 240 -4.12 34.14 6.41
CA PRO A 240 -4.36 34.21 7.86
C PRO A 240 -5.27 35.34 8.26
N GLU A 241 -5.41 36.37 7.41
CA GLU A 241 -6.22 37.52 7.76
C GLU A 241 -7.67 37.14 8.03
N LYS A 242 -8.13 36.04 7.44
CA LYS A 242 -9.53 35.65 7.58
C LYS A 242 -9.84 35.09 8.96
N LEU A 243 -8.84 34.85 9.79
CA LEU A 243 -9.05 34.17 11.05
C LEU A 243 -9.02 35.13 12.23
N SER A 244 -9.81 34.80 13.24
CA SER A 244 -9.77 35.53 14.49
C SER A 244 -8.45 35.31 15.19
N ALA A 245 -8.09 36.24 16.07
CA ALA A 245 -6.85 36.11 16.82
C ALA A 245 -6.87 34.88 17.71
N ILE A 246 -8.04 34.49 18.20
CA ILE A 246 -8.15 33.32 19.07
C ILE A 246 -7.83 32.06 18.29
N PHE A 247 -8.34 31.96 17.07
CA PHE A 247 -8.08 30.80 16.22
C PHE A 247 -6.61 30.73 15.82
N ARG A 248 -6.02 31.88 15.48
CA ARG A 248 -4.59 31.89 15.22
C ARG A 248 -3.79 31.45 16.43
N ASP A 249 -4.20 31.88 17.62
CA ASP A 249 -3.52 31.47 18.84
C ASP A 249 -3.61 29.95 19.04
N PHE A 250 -4.80 29.39 18.81
CA PHE A 250 -4.97 27.95 18.92
C PHE A 250 -4.07 27.21 17.94
N LEU A 251 -4.02 27.67 16.70
CA LEU A 251 -3.13 27.05 15.71
C LEU A 251 -1.67 27.16 16.14
N ASN A 252 -1.26 28.35 16.59
CA ASN A 252 0.13 28.55 16.97
C ASN A 252 0.51 27.66 18.14
N ARG A 253 -0.44 27.37 19.03
CA ARG A 253 -0.13 26.41 20.08
C ARG A 253 -0.24 24.98 19.60
N CYS A 254 -0.88 24.73 18.46
CA CYS A 254 -0.91 23.38 17.91
C CYS A 254 0.32 23.09 17.07
N LEU A 255 0.83 24.09 16.35
CA LEU A 255 1.91 23.89 15.40
C LEU A 255 3.22 24.52 15.88
N GLU A 256 3.42 24.58 17.19
CA GLU A 256 4.66 25.06 17.75
C GLU A 256 5.77 24.02 17.57
N MET A 257 6.94 24.46 17.09
CA MET A 257 8.05 23.54 16.95
C MET A 257 8.61 23.11 18.30
N ASP A 258 8.58 23.98 19.29
CA ASP A 258 9.11 23.64 20.60
C ASP A 258 8.10 22.74 21.29
N VAL A 259 8.45 21.46 21.43
CA VAL A 259 7.50 20.48 21.96
C VAL A 259 7.09 20.84 23.37
N GLU A 260 8.02 21.37 24.16
CA GLU A 260 7.65 21.90 25.48
C GLU A 260 6.67 23.06 25.35
N LYS A 261 6.86 23.92 24.36
CA LYS A 261 5.95 25.04 24.16
C LYS A 261 4.65 24.63 23.49
N ARG A 262 4.66 23.56 22.69
CA ARG A 262 3.42 23.06 22.13
C ARG A 262 2.50 22.58 23.23
N GLY A 263 1.20 22.80 23.03
CA GLY A 263 0.24 22.47 24.06
C GLY A 263 -0.09 20.98 24.08
N SER A 264 -0.43 20.49 25.26
CA SER A 264 -0.97 19.15 25.38
C SER A 264 -2.47 19.18 25.14
N ALA A 265 -3.07 18.00 24.98
CA ALA A 265 -4.49 17.94 24.73
C ALA A 265 -5.28 18.53 25.90
N LYS A 266 -4.85 18.25 27.13
CA LYS A 266 -5.54 18.77 28.29
C LYS A 266 -5.40 20.29 28.38
N GLU A 267 -4.22 20.80 28.05
CA GLU A 267 -4.02 22.24 28.01
C GLU A 267 -4.84 22.91 26.92
N LEU A 268 -4.93 22.28 25.75
CA LEU A 268 -5.67 22.86 24.63
C LEU A 268 -7.17 22.80 24.84
N LEU A 269 -7.66 21.85 25.64
CA LEU A 269 -9.08 21.83 25.93
C LEU A 269 -9.56 23.06 26.67
N GLN A 270 -8.64 23.81 27.28
CA GLN A 270 -8.98 25.02 28.01
C GLN A 270 -8.80 26.28 27.18
N HIS A 271 -8.46 26.15 25.90
CA HIS A 271 -8.23 27.32 25.06
C HIS A 271 -9.54 28.04 24.79
N GLN A 272 -9.46 29.37 24.66
CA GLN A 272 -10.67 30.17 24.48
C GLN A 272 -11.35 29.87 23.15
N PHE A 273 -10.61 29.35 22.18
CA PHE A 273 -11.19 29.05 20.88
C PHE A 273 -12.34 28.07 21.02
N LEU A 274 -12.14 27.02 21.82
CA LEU A 274 -13.19 26.02 22.00
C LEU A 274 -14.42 26.59 22.67
N LYS A 275 -14.32 27.79 23.27
CA LYS A 275 -15.49 28.40 23.87
C LYS A 275 -16.50 28.88 22.83
N ILE A 276 -16.07 29.10 21.59
CA ILE A 276 -17.00 29.58 20.58
C ILE A 276 -17.50 28.39 19.77
N ALA A 277 -17.36 27.19 20.33
CA ALA A 277 -17.79 26.00 19.64
C ALA A 277 -19.30 25.97 19.49
N LYS A 278 -19.77 25.46 18.37
CA LYS A 278 -21.18 25.30 18.12
C LYS A 278 -21.66 23.93 18.60
N PRO A 279 -22.97 23.75 18.76
CA PRO A 279 -23.48 22.41 19.02
C PRO A 279 -23.16 21.48 17.87
N LEU A 280 -22.99 20.20 18.21
CA LEU A 280 -22.63 19.21 17.21
C LEU A 280 -23.71 19.08 16.13
N SER A 281 -24.93 19.45 16.52
CA SER A 281 -26.08 19.38 15.61
C SER A 281 -25.88 20.38 14.46
N SER A 282 -24.86 21.23 14.57
CA SER A 282 -24.59 22.26 13.53
C SER A 282 -23.72 21.68 12.43
N LEU A 283 -23.28 20.44 12.56
CA LEU A 283 -22.48 19.77 11.52
C LEU A 283 -23.43 19.00 10.61
N THR A 284 -24.68 18.84 11.01
CA THR A 284 -25.57 18.10 10.12
C THR A 284 -25.69 18.73 8.73
N PRO A 285 -25.78 20.06 8.56
CA PRO A 285 -25.83 20.59 7.19
C PRO A 285 -24.58 20.33 6.40
N LEU A 286 -23.41 20.51 7.01
CA LEU A 286 -22.16 20.17 6.33
C LEU A 286 -22.21 18.75 5.80
N ILE A 287 -22.59 17.80 6.66
CA ILE A 287 -22.74 16.42 6.22
C ILE A 287 -23.71 16.34 5.06
N ALA A 288 -24.87 17.00 5.20
CA ALA A 288 -25.86 16.97 4.13
C ALA A 288 -25.29 17.57 2.86
N ALA A 289 -24.51 18.64 2.97
CA ALA A 289 -23.87 19.20 1.79
C ALA A 289 -22.87 18.22 1.22
N ALA A 290 -22.08 17.59 2.08
CA ALA A 290 -21.02 16.72 1.60
C ALA A 290 -21.60 15.57 0.78
N LYS A 291 -22.65 14.94 1.27
CA LYS A 291 -23.24 13.84 0.54
C LYS A 291 -23.85 14.31 -0.78
N GLU A 292 -24.31 15.55 -0.83
CA GLU A 292 -24.80 16.07 -2.11
C GLU A 292 -23.66 16.24 -3.09
N ALA A 293 -22.48 16.64 -2.59
CA ALA A 293 -21.39 16.96 -3.49
C ALA A 293 -20.74 15.70 -4.05
N THR A 294 -20.66 14.64 -3.27
CA THR A 294 -19.92 13.44 -3.64
C THR A 294 -20.77 12.40 -4.35
N LYS A 295 -22.06 12.65 -4.52
CA LYS A 295 -22.95 11.69 -5.16
C LYS A 295 -22.70 11.61 -6.66
N GLU B 8 -21.39 -9.54 -26.03
CA GLU B 8 -21.17 -10.31 -27.24
C GLU B 8 -19.72 -10.18 -27.66
N LYS B 9 -19.05 -9.16 -27.14
CA LYS B 9 -17.62 -9.00 -27.38
C LYS B 9 -16.84 -10.16 -26.80
N LEU B 10 -17.35 -10.77 -25.72
CA LEU B 10 -16.70 -11.94 -25.14
C LEU B 10 -16.68 -13.10 -26.13
N ARG B 11 -17.85 -13.46 -26.65
CA ARG B 11 -17.97 -14.65 -27.50
C ARG B 11 -17.17 -14.49 -28.79
N SER B 12 -16.62 -13.30 -28.98
CA SER B 12 -15.77 -13.10 -30.17
C SER B 12 -14.53 -13.98 -30.05
N ILE B 13 -13.88 -13.99 -28.88
CA ILE B 13 -12.60 -14.76 -28.70
C ILE B 13 -12.82 -16.12 -28.02
N VAL B 14 -13.57 -16.14 -26.93
CA VAL B 14 -13.75 -17.36 -26.09
C VAL B 14 -14.11 -18.56 -26.96
N SER B 15 -13.45 -19.69 -26.72
CA SER B 15 -13.71 -20.91 -27.45
C SER B 15 -15.00 -21.55 -26.97
N VAL B 16 -15.52 -22.47 -27.77
CA VAL B 16 -16.68 -23.26 -27.38
C VAL B 16 -16.22 -24.51 -26.67
N GLY B 17 -17.14 -25.14 -25.96
CA GLY B 17 -16.81 -26.33 -25.20
C GLY B 17 -17.12 -26.12 -23.75
N ASP B 18 -17.19 -27.19 -22.98
CA ASP B 18 -17.43 -27.07 -21.55
C ASP B 18 -16.13 -27.33 -20.81
N PRO B 19 -15.48 -26.31 -20.25
CA PRO B 19 -14.24 -26.54 -19.53
C PRO B 19 -14.43 -27.41 -18.31
N LYS B 20 -15.65 -27.54 -17.80
CA LYS B 20 -15.89 -28.48 -16.71
C LYS B 20 -15.65 -29.91 -17.16
N LYS B 21 -15.82 -30.18 -18.46
CA LYS B 21 -15.54 -31.49 -19.03
C LYS B 21 -14.13 -31.59 -19.60
N LYS B 22 -13.47 -30.47 -19.84
CA LYS B 22 -12.18 -30.52 -20.51
C LYS B 22 -11.03 -30.53 -19.51
N TYR B 23 -11.30 -30.15 -18.26
CA TYR B 23 -10.27 -30.10 -17.24
C TYR B 23 -10.78 -30.75 -15.95
N THR B 24 -9.84 -31.25 -15.15
CA THR B 24 -10.21 -31.93 -13.88
C THR B 24 -9.13 -31.65 -12.81
N ARG B 25 -9.33 -32.20 -11.62
CA ARG B 25 -8.40 -32.04 -10.48
C ARG B 25 -8.17 -30.55 -10.17
N PHE B 26 -9.23 -29.76 -10.15
CA PHE B 26 -9.07 -28.32 -9.84
C PHE B 26 -8.50 -28.17 -8.43
N GLU B 27 -7.52 -27.30 -8.28
CA GLU B 27 -6.86 -27.03 -6.99
C GLU B 27 -6.64 -25.52 -6.91
N LYS B 28 -6.92 -24.92 -5.76
CA LYS B 28 -6.80 -23.48 -5.63
C LYS B 28 -5.37 -23.09 -5.36
N ILE B 29 -4.84 -22.15 -6.15
CA ILE B 29 -3.47 -21.67 -5.96
C ILE B 29 -3.39 -20.16 -5.80
N GLY B 30 -4.42 -19.40 -6.15
CA GLY B 30 -4.33 -17.97 -5.99
C GLY B 30 -5.69 -17.31 -5.90
N GLN B 31 -5.68 -16.08 -5.42
CA GLN B 31 -6.87 -15.24 -5.33
C GLN B 31 -6.47 -13.84 -5.74
N GLY B 32 -7.43 -12.91 -5.65
CA GLY B 32 -7.13 -11.54 -6.09
C GLY B 32 -8.33 -10.88 -6.74
N ALA B 33 -8.19 -9.61 -7.13
CA ALA B 33 -9.32 -8.84 -7.69
C ALA B 33 -9.85 -9.49 -8.96
N SER B 34 -8.95 -9.89 -9.87
CA SER B 34 -9.36 -10.51 -11.15
C SER B 34 -10.28 -11.69 -10.84
N GLY B 35 -9.89 -12.48 -9.83
CA GLY B 35 -10.72 -13.62 -9.37
C GLY B 35 -9.84 -14.72 -8.80
N THR B 36 -10.42 -15.90 -8.57
CA THR B 36 -9.65 -17.04 -8.02
C THR B 36 -8.97 -17.82 -9.15
N VAL B 37 -7.71 -18.18 -8.94
CA VAL B 37 -6.85 -18.92 -9.85
C VAL B 37 -6.68 -20.33 -9.34
N TYR B 38 -7.08 -21.30 -10.14
CA TYR B 38 -6.93 -22.71 -9.83
C TYR B 38 -5.87 -23.33 -10.75
N THR B 39 -5.39 -24.49 -10.37
CA THR B 39 -4.62 -25.31 -11.28
C THR B 39 -5.39 -26.58 -11.59
N ALA B 40 -5.31 -27.00 -12.85
CA ALA B 40 -6.09 -28.13 -13.32
C ALA B 40 -5.27 -28.89 -14.34
N MET B 41 -5.86 -29.97 -14.85
CA MET B 41 -5.22 -30.82 -15.84
C MET B 41 -6.13 -30.97 -17.05
N ASP B 42 -5.54 -30.91 -18.23
CA ASP B 42 -6.27 -31.24 -19.45
C ASP B 42 -6.51 -32.74 -19.48
N VAL B 43 -7.79 -33.14 -19.57
CA VAL B 43 -8.14 -34.54 -19.44
C VAL B 43 -7.72 -35.36 -20.65
N ALA B 44 -7.46 -34.72 -21.78
CA ALA B 44 -7.07 -35.45 -22.97
C ALA B 44 -5.57 -35.47 -23.22
N THR B 45 -4.83 -34.52 -22.65
CA THR B 45 -3.39 -34.45 -22.86
C THR B 45 -2.58 -34.53 -21.57
N GLY B 46 -3.20 -34.28 -20.42
CA GLY B 46 -2.44 -34.29 -19.20
C GLY B 46 -1.65 -33.04 -18.92
N GLN B 47 -1.78 -32.03 -19.76
CA GLN B 47 -1.07 -30.78 -19.52
C GLN B 47 -1.70 -30.05 -18.33
N GLU B 48 -0.85 -29.65 -17.38
CA GLU B 48 -1.33 -28.89 -16.24
C GLU B 48 -1.37 -27.41 -16.58
N VAL B 49 -2.48 -26.76 -16.23
CA VAL B 49 -2.74 -25.38 -16.61
C VAL B 49 -3.22 -24.61 -15.39
N ALA B 50 -3.16 -23.29 -15.50
CA ALA B 50 -3.77 -22.39 -14.53
C ALA B 50 -5.02 -21.81 -15.14
N ILE B 51 -6.09 -21.70 -14.34
CA ILE B 51 -7.36 -21.20 -14.82
C ILE B 51 -7.81 -20.08 -13.90
N LYS B 52 -8.02 -18.91 -14.48
CA LYS B 52 -8.44 -17.72 -13.75
C LYS B 52 -9.93 -17.53 -13.96
N GLN B 53 -10.67 -17.42 -12.86
CA GLN B 53 -12.11 -17.22 -12.89
C GLN B 53 -12.45 -15.83 -12.39
N MET B 54 -13.15 -15.07 -13.23
CA MET B 54 -13.60 -13.72 -12.91
C MET B 54 -15.12 -13.68 -12.98
N ASN B 55 -15.75 -13.01 -12.02
CA ASN B 55 -17.17 -12.70 -12.14
C ASN B 55 -17.29 -11.38 -12.90
N LEU B 56 -17.52 -11.47 -14.21
CA LEU B 56 -17.43 -10.28 -15.05
C LEU B 56 -18.54 -9.28 -14.79
N GLN B 57 -19.46 -9.65 -13.90
CA GLN B 57 -20.54 -8.72 -13.49
C GLN B 57 -20.04 -7.98 -12.25
N GLN B 58 -19.34 -8.69 -11.38
CA GLN B 58 -18.77 -8.10 -10.17
C GLN B 58 -17.72 -7.02 -10.46
N GLN B 59 -16.91 -7.20 -11.51
CA GLN B 59 -15.93 -6.17 -11.82
C GLN B 59 -16.58 -5.13 -12.72
N PRO B 60 -16.59 -3.85 -12.21
CA PRO B 60 -17.27 -2.86 -13.08
C PRO B 60 -16.59 -2.63 -14.41
N LYS B 61 -15.27 -2.51 -14.39
CA LYS B 61 -14.57 -2.26 -15.62
C LYS B 61 -14.19 -3.57 -16.19
N LYS B 62 -14.84 -3.96 -17.28
CA LYS B 62 -14.52 -5.21 -17.90
C LYS B 62 -14.00 -4.96 -19.29
N GLU B 63 -14.09 -3.72 -19.74
CA GLU B 63 -13.59 -3.39 -21.07
C GLU B 63 -12.07 -3.51 -21.15
N LEU B 64 -11.37 -3.03 -20.12
CA LEU B 64 -9.93 -3.19 -20.10
C LEU B 64 -9.56 -4.66 -19.99
N ILE B 65 -10.41 -5.46 -19.34
CA ILE B 65 -10.17 -6.89 -19.27
C ILE B 65 -10.22 -7.51 -20.66
N ILE B 66 -11.22 -7.10 -21.45
CA ILE B 66 -11.34 -7.60 -22.81
C ILE B 66 -10.11 -7.25 -23.62
N ASN B 67 -9.70 -5.99 -23.56
CA ASN B 67 -8.54 -5.57 -24.33
C ASN B 67 -7.28 -6.28 -23.85
N GLU B 68 -7.17 -6.50 -22.55
CA GLU B 68 -6.01 -7.20 -22.00
C GLU B 68 -5.95 -8.62 -22.51
N ILE B 69 -7.09 -9.30 -22.57
CA ILE B 69 -7.10 -10.66 -23.10
C ILE B 69 -6.72 -10.69 -24.56
N LEU B 70 -7.20 -9.72 -25.34
CA LEU B 70 -6.81 -9.67 -26.75
C LEU B 70 -5.31 -9.48 -26.90
N VAL B 71 -4.76 -8.51 -26.16
CA VAL B 71 -3.33 -8.25 -26.21
C VAL B 71 -2.55 -9.50 -25.82
N MET B 72 -2.98 -10.15 -24.73
CA MET B 72 -2.28 -11.34 -24.24
C MET B 72 -2.33 -12.45 -25.28
N ARG B 73 -3.45 -12.59 -25.98
CA ARG B 73 -3.57 -13.64 -26.98
C ARG B 73 -2.65 -13.39 -28.16
N GLU B 74 -2.55 -12.14 -28.61
CA GLU B 74 -1.78 -11.90 -29.82
C GLU B 74 -0.28 -11.77 -29.57
N ASN B 75 0.14 -11.68 -28.31
CA ASN B 75 1.54 -11.39 -27.98
C ASN B 75 2.10 -12.50 -27.11
N LYS B 76 2.73 -13.48 -27.75
CA LYS B 76 3.28 -14.63 -27.06
C LYS B 76 4.80 -14.60 -27.06
N ASN B 77 5.40 -15.05 -25.95
CA ASN B 77 6.84 -15.15 -25.81
C ASN B 77 7.16 -16.29 -24.87
N PRO B 78 8.22 -17.04 -25.13
CA PRO B 78 8.54 -18.20 -24.27
C PRO B 78 8.87 -17.84 -22.84
N ASN B 79 9.23 -16.59 -22.56
CA ASN B 79 9.63 -16.20 -21.22
C ASN B 79 8.55 -15.43 -20.47
N ILE B 80 7.29 -15.53 -20.92
CA ILE B 80 6.15 -15.00 -20.19
C ILE B 80 5.11 -16.10 -20.06
N VAL B 81 4.21 -15.93 -19.11
CA VAL B 81 3.07 -16.82 -18.93
C VAL B 81 2.05 -16.47 -20.01
N ASN B 82 1.77 -17.42 -20.89
CA ASN B 82 1.00 -17.13 -22.09
C ASN B 82 -0.47 -17.48 -21.93
N TYR B 83 -1.30 -16.85 -22.75
CA TYR B 83 -2.75 -17.12 -22.77
C TYR B 83 -2.93 -18.41 -23.55
N LEU B 84 -3.67 -19.37 -22.99
CA LEU B 84 -3.90 -20.64 -23.70
C LEU B 84 -5.29 -20.64 -24.35
N ASP B 85 -6.32 -20.28 -23.59
CA ASP B 85 -7.70 -20.29 -24.13
C ASP B 85 -8.64 -19.56 -23.18
N SER B 86 -9.92 -19.46 -23.53
CA SER B 86 -10.85 -18.76 -22.64
C SER B 86 -12.27 -19.26 -22.89
N TYR B 87 -13.08 -19.20 -21.84
CA TYR B 87 -14.45 -19.70 -21.89
C TYR B 87 -15.36 -18.82 -21.05
N LEU B 88 -16.63 -18.83 -21.42
CA LEU B 88 -17.68 -18.13 -20.65
C LEU B 88 -18.47 -19.23 -19.95
N VAL B 89 -18.43 -19.25 -18.61
CA VAL B 89 -19.14 -20.29 -17.81
C VAL B 89 -20.02 -19.66 -16.74
N GLY B 90 -21.33 -19.66 -16.94
CA GLY B 90 -22.30 -19.18 -15.94
C GLY B 90 -22.04 -17.77 -15.43
N ASP B 91 -21.85 -16.80 -16.34
CA ASP B 91 -21.63 -15.36 -16.03
C ASP B 91 -20.27 -15.09 -15.38
N GLU B 92 -19.33 -16.03 -15.55
CA GLU B 92 -17.95 -15.92 -15.04
C GLU B 92 -17.03 -16.10 -16.23
N LEU B 93 -15.91 -15.39 -16.27
CA LEU B 93 -15.00 -15.62 -17.42
C LEU B 93 -13.87 -16.52 -16.97
N TRP B 94 -13.59 -17.57 -17.75
CA TRP B 94 -12.47 -18.46 -17.47
C TRP B 94 -11.36 -18.19 -18.48
N VAL B 95 -10.17 -17.91 -17.97
CA VAL B 95 -8.99 -17.67 -18.80
C VAL B 95 -7.96 -18.75 -18.48
N VAL B 96 -7.48 -19.43 -19.51
CA VAL B 96 -6.54 -20.53 -19.34
C VAL B 96 -5.14 -20.03 -19.65
N MET B 97 -4.20 -20.34 -18.79
CA MET B 97 -2.82 -19.89 -18.90
C MET B 97 -1.90 -21.07 -18.64
N GLU B 98 -0.70 -20.99 -19.18
CA GLU B 98 0.25 -22.06 -18.93
C GLU B 98 0.71 -22.02 -17.48
N TYR B 99 1.04 -23.19 -16.96
CA TYR B 99 1.31 -23.39 -15.54
C TYR B 99 2.71 -23.90 -15.35
N LEU B 100 3.40 -23.40 -14.32
CA LEU B 100 4.74 -23.83 -13.98
C LEU B 100 4.71 -24.38 -12.56
N ALA B 101 5.25 -25.57 -12.38
CA ALA B 101 5.16 -26.28 -11.10
C ALA B 101 6.29 -25.95 -10.14
N GLY B 102 7.38 -25.37 -10.63
CA GLY B 102 8.51 -25.10 -9.75
C GLY B 102 8.27 -24.02 -8.73
N GLY B 103 7.15 -23.33 -8.80
CA GLY B 103 6.88 -22.26 -7.87
C GLY B 103 7.56 -20.97 -8.26
N SER B 104 7.62 -20.05 -7.30
CA SER B 104 8.20 -18.74 -7.54
C SER B 104 9.69 -18.74 -7.22
N LEU B 105 10.36 -17.69 -7.69
CA LEU B 105 11.77 -17.53 -7.40
C LEU B 105 12.00 -17.09 -5.96
N THR B 106 10.96 -16.63 -5.28
CA THR B 106 11.12 -16.18 -3.90
C THR B 106 11.49 -17.33 -2.98
N ASP B 107 10.89 -18.50 -3.19
CA ASP B 107 11.25 -19.65 -2.36
C ASP B 107 12.71 -20.03 -2.56
N VAL B 108 13.16 -20.05 -3.81
CA VAL B 108 14.54 -20.38 -4.11
C VAL B 108 15.48 -19.37 -3.46
N VAL B 109 15.14 -18.10 -3.56
CA VAL B 109 15.99 -17.05 -3.02
C VAL B 109 16.04 -17.13 -1.50
N THR B 110 14.93 -17.49 -0.86
CA THR B 110 14.90 -17.52 0.59
C THR B 110 15.49 -18.79 1.17
N GLU B 111 15.56 -19.88 0.41
CA GLU B 111 15.97 -21.15 0.98
C GLU B 111 17.23 -21.74 0.36
N THR B 112 17.83 -21.07 -0.63
CA THR B 112 19.07 -21.54 -1.24
C THR B 112 20.02 -20.37 -1.40
N CYS B 113 21.28 -20.68 -1.70
CA CYS B 113 22.27 -19.68 -2.11
C CYS B 113 22.61 -19.93 -3.57
N MET B 114 22.09 -19.09 -4.43
CA MET B 114 22.38 -19.19 -5.85
C MET B 114 23.81 -18.75 -6.12
N ASP B 115 24.44 -19.37 -7.12
CA ASP B 115 25.75 -18.88 -7.55
C ASP B 115 25.59 -18.01 -8.80
N GLU B 116 26.69 -17.35 -9.18
CA GLU B 116 26.62 -16.31 -10.19
C GLU B 116 26.18 -16.85 -11.54
N GLY B 117 26.47 -18.12 -11.84
CA GLY B 117 25.99 -18.70 -13.08
C GLY B 117 24.48 -18.86 -13.13
N GLN B 118 23.90 -19.34 -12.03
CA GLN B 118 22.45 -19.48 -11.96
C GLN B 118 21.76 -18.13 -12.00
N ILE B 119 22.30 -17.15 -11.28
CA ILE B 119 21.74 -15.81 -11.29
C ILE B 119 21.85 -15.21 -12.69
N ALA B 120 22.96 -15.45 -13.38
CA ALA B 120 23.10 -14.96 -14.74
C ALA B 120 22.06 -15.58 -15.66
N ALA B 121 21.80 -16.88 -15.49
CA ALA B 121 20.78 -17.53 -16.31
C ALA B 121 19.41 -16.92 -16.07
N VAL B 122 19.06 -16.71 -14.80
CA VAL B 122 17.76 -16.12 -14.47
C VAL B 122 17.64 -14.72 -15.05
N CYS B 123 18.68 -13.92 -14.86
CA CYS B 123 18.66 -12.54 -15.33
C CYS B 123 18.55 -12.50 -16.85
N ARG B 124 19.19 -13.43 -17.54
CA ARG B 124 19.17 -13.43 -18.99
C ARG B 124 17.79 -13.80 -19.51
N GLU B 125 17.13 -14.79 -18.89
CA GLU B 125 15.76 -15.11 -19.28
C GLU B 125 14.82 -13.94 -19.00
N CYS B 126 14.95 -13.32 -17.84
CA CYS B 126 14.10 -12.17 -17.51
C CYS B 126 14.32 -11.02 -18.46
N LEU B 127 15.57 -10.81 -18.88
CA LEU B 127 15.86 -9.73 -19.81
C LEU B 127 15.29 -10.03 -21.18
N GLN B 128 15.30 -11.29 -21.61
CA GLN B 128 14.62 -11.62 -22.85
C GLN B 128 13.14 -11.29 -22.78
N ALA B 129 12.50 -11.62 -21.66
CA ALA B 129 11.09 -11.29 -21.50
C ALA B 129 10.88 -9.78 -21.51
N LEU B 130 11.77 -9.04 -20.85
CA LEU B 130 11.63 -7.59 -20.79
C LEU B 130 11.85 -6.94 -22.14
N GLU B 131 12.80 -7.43 -22.93
CA GLU B 131 12.97 -6.94 -24.28
C GLU B 131 11.71 -7.17 -25.09
N PHE B 132 11.12 -8.36 -24.96
CA PHE B 132 9.87 -8.64 -25.65
C PHE B 132 8.78 -7.67 -25.26
N LEU B 133 8.64 -7.42 -23.95
CA LEU B 133 7.59 -6.52 -23.50
C LEU B 133 7.82 -5.10 -23.97
N HIS B 134 9.03 -4.58 -23.76
CA HIS B 134 9.33 -3.21 -24.11
C HIS B 134 9.21 -2.97 -25.60
N SER B 135 9.45 -3.99 -26.42
CA SER B 135 9.32 -3.80 -27.88
C SER B 135 7.85 -3.57 -28.21
N ASN B 136 6.96 -4.14 -27.39
CA ASN B 136 5.49 -4.05 -27.61
C ASN B 136 4.90 -2.91 -26.79
N GLN B 137 5.76 -2.02 -26.28
CA GLN B 137 5.34 -0.82 -25.50
C GLN B 137 4.55 -1.24 -24.26
N VAL B 138 5.04 -2.26 -23.56
CA VAL B 138 4.42 -2.75 -22.33
C VAL B 138 5.39 -2.53 -21.18
N ILE B 139 4.86 -2.09 -20.04
CA ILE B 139 5.68 -1.78 -18.88
C ILE B 139 5.23 -2.71 -17.76
N HIS B 140 6.14 -3.55 -17.26
CA HIS B 140 5.75 -4.55 -16.27
C HIS B 140 5.40 -3.90 -14.94
N ARG B 141 6.29 -3.09 -14.43
CA ARG B 141 6.05 -2.32 -13.25
C ARG B 141 6.13 -3.12 -11.98
N ASN B 142 6.24 -4.44 -12.10
CA ASN B 142 6.30 -5.27 -10.93
C ASN B 142 7.26 -6.43 -11.06
N ILE B 143 8.53 -6.12 -11.23
CA ILE B 143 9.50 -7.17 -11.37
C ILE B 143 10.02 -7.43 -9.99
N LYS B 144 9.67 -8.59 -9.49
CA LYS B 144 10.12 -9.01 -8.18
C LYS B 144 10.20 -10.49 -8.21
N SER B 145 10.80 -11.06 -7.21
CA SER B 145 11.10 -12.49 -7.19
C SER B 145 9.84 -13.35 -7.26
N ASP B 146 8.77 -12.96 -6.60
CA ASP B 146 7.59 -13.81 -6.57
C ASP B 146 6.73 -13.70 -7.83
N ASN B 147 7.06 -12.79 -8.74
CA ASN B 147 6.42 -12.75 -10.05
C ASN B 147 7.26 -13.49 -11.09
N ILE B 148 8.28 -14.21 -10.67
CA ILE B 148 9.07 -15.05 -11.55
C ILE B 148 8.67 -16.48 -11.26
N LEU B 149 8.29 -17.23 -12.29
CA LEU B 149 7.86 -18.60 -12.13
C LEU B 149 8.84 -19.54 -12.82
N LEU B 150 9.07 -20.69 -12.19
CA LEU B 150 10.06 -21.65 -12.63
C LEU B 150 9.38 -22.95 -13.04
N GLY B 151 9.82 -23.52 -14.14
CA GLY B 151 9.38 -24.84 -14.52
C GLY B 151 10.31 -25.91 -13.98
N MET B 152 9.84 -27.15 -14.03
CA MET B 152 10.65 -28.26 -13.53
C MET B 152 11.83 -28.57 -14.44
N ASP B 153 11.83 -28.07 -15.66
CA ASP B 153 12.99 -28.20 -16.53
C ASP B 153 13.91 -27.00 -16.45
N GLY B 154 13.63 -26.05 -15.57
CA GLY B 154 14.46 -24.88 -15.39
C GLY B 154 13.99 -23.64 -16.10
N SER B 155 12.92 -23.72 -16.88
CA SER B 155 12.45 -22.57 -17.63
C SER B 155 11.97 -21.47 -16.68
N VAL B 156 12.13 -20.24 -17.13
CA VAL B 156 11.83 -19.05 -16.32
C VAL B 156 10.82 -18.22 -17.09
N LYS B 157 9.75 -17.80 -16.42
CA LYS B 157 8.71 -17.00 -17.05
C LYS B 157 8.25 -15.87 -16.15
N LEU B 158 7.78 -14.80 -16.76
CA LEU B 158 7.21 -13.66 -16.06
C LEU B 158 5.71 -13.85 -15.90
N THR B 159 5.12 -13.14 -14.95
CA THR B 159 3.69 -13.18 -14.74
C THR B 159 3.24 -11.95 -13.97
N ASP B 160 1.93 -11.82 -13.81
CA ASP B 160 1.28 -10.80 -12.98
C ASP B 160 1.57 -9.38 -13.50
N PHE B 161 1.27 -9.17 -14.77
CA PHE B 161 1.33 -7.82 -15.34
C PHE B 161 0.11 -7.51 -16.21
N SER B 172 -2.74 7.02 -4.18
CA SER B 172 -3.28 8.23 -3.58
C SER B 172 -2.33 8.83 -2.58
N LYS B 173 -2.16 10.15 -2.64
CA LYS B 173 -1.24 10.81 -1.72
C LYS B 173 -1.85 10.97 -0.33
N ARG B 174 -3.17 10.85 -0.21
CA ARG B 174 -3.77 10.85 1.12
C ARG B 174 -3.70 9.46 1.76
N SER B 175 -3.80 8.41 0.95
CA SER B 175 -4.04 7.07 1.47
C SER B 175 -2.81 6.45 2.09
N TPO B 176 -2.94 5.21 2.51
CA TPO B 176 -1.85 4.49 3.11
CB TPO B 176 -2.36 3.65 4.26
CG2 TPO B 176 -1.17 3.06 4.97
OG1 TPO B 176 -3.11 4.39 5.21
P TPO B 176 -4.68 4.18 5.41
O1P TPO B 176 -5.09 3.20 4.34
O2P TPO B 176 -4.83 3.69 6.83
O3P TPO B 176 -5.23 5.57 5.21
C TPO B 176 -1.37 3.48 2.15
O TPO B 176 -2.20 2.89 1.46
N MET B 177 -0.07 3.23 2.09
CA MET B 177 0.48 2.19 1.23
C MET B 177 0.91 1.11 2.21
N VAL B 178 0.39 -0.10 2.07
CA VAL B 178 0.74 -1.15 3.03
C VAL B 178 2.22 -1.45 2.96
N GLY B 179 2.77 -1.46 1.77
CA GLY B 179 4.18 -1.75 1.62
C GLY B 179 4.42 -2.14 0.19
N THR B 180 5.48 -2.90 -0.02
CA THR B 180 5.85 -3.36 -1.34
C THR B 180 6.62 -2.34 -2.14
N PRO B 181 7.08 -1.28 -1.50
CA PRO B 181 7.84 -0.31 -2.30
C PRO B 181 9.31 -0.60 -2.61
N TYR B 182 9.84 -1.73 -2.19
CA TYR B 182 11.25 -2.05 -2.34
C TYR B 182 11.89 -2.15 -3.74
N TRP B 183 11.12 -2.53 -4.73
CA TRP B 183 11.64 -2.74 -6.09
C TRP B 183 11.36 -1.62 -7.06
N MET B 184 10.85 -0.47 -6.64
CA MET B 184 10.55 0.56 -7.63
C MET B 184 11.69 1.57 -7.73
N ALA B 185 11.91 2.07 -8.94
CA ALA B 185 12.98 3.01 -9.20
C ALA B 185 12.68 4.36 -8.57
N PRO B 186 13.71 5.19 -8.37
CA PRO B 186 13.46 6.52 -7.79
C PRO B 186 12.50 7.35 -8.61
N GLU B 187 12.55 7.24 -9.94
CA GLU B 187 11.65 8.04 -10.77
C GLU B 187 10.20 7.64 -10.54
N VAL B 188 9.95 6.40 -10.13
CA VAL B 188 8.60 6.02 -9.74
C VAL B 188 8.27 6.58 -8.36
N VAL B 189 9.25 6.56 -7.45
CA VAL B 189 9.07 7.11 -6.12
C VAL B 189 8.76 8.59 -6.18
N THR B 190 9.51 9.33 -6.99
CA THR B 190 9.29 10.75 -7.19
C THR B 190 8.08 11.04 -8.06
N ARG B 191 7.34 10.01 -8.45
CA ARG B 191 6.12 10.16 -9.25
C ARG B 191 6.40 10.96 -10.52
N LYS B 192 7.57 10.76 -11.10
CA LYS B 192 7.89 11.34 -12.39
C LYS B 192 7.28 10.49 -13.51
N ALA B 193 7.31 11.03 -14.72
CA ALA B 193 6.93 10.24 -15.88
C ALA B 193 8.05 9.27 -16.20
N TYR B 194 7.73 7.98 -16.21
CA TYR B 194 8.75 6.95 -16.26
C TYR B 194 8.58 6.08 -17.50
N GLY B 195 9.64 5.34 -17.81
CA GLY B 195 9.64 4.50 -18.99
C GLY B 195 9.93 3.06 -18.67
N PRO B 196 10.29 2.28 -19.68
CA PRO B 196 10.58 0.86 -19.46
C PRO B 196 11.73 0.60 -18.53
N LYS B 197 12.70 1.50 -18.43
CA LYS B 197 13.88 1.23 -17.65
C LYS B 197 13.60 1.05 -16.17
N VAL B 198 12.42 1.45 -15.68
CA VAL B 198 12.08 1.14 -14.30
C VAL B 198 12.11 -0.36 -14.07
N ASP B 199 11.62 -1.14 -15.03
CA ASP B 199 11.71 -2.59 -14.92
C ASP B 199 13.16 -3.01 -14.77
N ILE B 200 14.06 -2.41 -15.55
CA ILE B 200 15.48 -2.71 -15.42
C ILE B 200 15.93 -2.50 -13.99
N TRP B 201 15.55 -1.36 -13.40
CA TRP B 201 15.92 -1.11 -12.02
C TRP B 201 15.45 -2.25 -11.13
N SER B 202 14.19 -2.64 -11.29
CA SER B 202 13.65 -3.69 -10.45
C SER B 202 14.44 -4.98 -10.63
N LEU B 203 14.84 -5.26 -11.86
CA LEU B 203 15.66 -6.45 -12.12
C LEU B 203 16.93 -6.42 -11.30
N GLY B 204 17.60 -5.26 -11.28
CA GLY B 204 18.78 -5.14 -10.44
C GLY B 204 18.46 -5.45 -8.99
N ILE B 205 17.34 -4.89 -8.50
CA ILE B 205 16.92 -5.19 -7.14
C ILE B 205 16.73 -6.69 -6.98
N MET B 206 16.06 -7.32 -7.94
CA MET B 206 15.88 -8.76 -7.86
C MET B 206 17.23 -9.47 -7.81
N ALA B 207 18.20 -9.00 -8.59
CA ALA B 207 19.51 -9.61 -8.54
C ALA B 207 20.09 -9.53 -7.14
N ILE B 208 19.99 -8.37 -6.51
CA ILE B 208 20.47 -8.25 -5.14
C ILE B 208 19.74 -9.24 -4.26
N GLU B 209 18.45 -9.40 -4.49
CA GLU B 209 17.67 -10.38 -3.74
C GLU B 209 18.30 -11.76 -3.87
N MET B 210 18.61 -12.18 -5.11
CA MET B 210 19.14 -13.51 -5.32
C MET B 210 20.48 -13.70 -4.62
N ILE B 211 21.20 -12.62 -4.35
CA ILE B 211 22.49 -12.79 -3.69
C ILE B 211 22.42 -12.50 -2.21
N GLU B 212 21.39 -11.86 -1.73
CA GLU B 212 21.36 -11.56 -0.32
C GLU B 212 20.19 -12.18 0.39
N GLY B 213 19.28 -12.71 -0.39
CA GLY B 213 18.11 -13.37 0.13
C GLY B 213 16.93 -12.47 0.37
N GLU B 214 17.10 -11.17 0.29
CA GLU B 214 16.00 -10.27 0.49
C GLU B 214 16.25 -8.94 -0.16
N PRO B 215 15.11 -8.21 -0.49
CA PRO B 215 15.38 -6.92 -1.14
C PRO B 215 15.89 -5.91 -0.17
N PRO B 216 16.65 -4.88 -0.65
CA PRO B 216 17.11 -3.92 0.37
C PRO B 216 16.00 -3.04 0.90
N TYR B 217 16.14 -2.59 2.13
CA TYR B 217 15.16 -1.75 2.81
C TYR B 217 13.98 -2.56 3.32
N LEU B 218 14.11 -3.89 3.30
CA LEU B 218 12.97 -4.74 3.62
C LEU B 218 12.52 -4.57 5.06
N ASN B 219 13.46 -4.34 5.97
CA ASN B 219 13.14 -4.22 7.38
C ASN B 219 12.73 -2.81 7.79
N GLU B 220 12.91 -1.82 6.93
CA GLU B 220 12.52 -0.46 7.25
C GLU B 220 11.02 -0.24 7.06
N ASN B 221 10.51 0.83 7.64
CA ASN B 221 9.16 1.25 7.36
C ASN B 221 9.06 1.68 5.91
N PRO B 222 7.89 1.53 5.28
CA PRO B 222 7.79 1.96 3.87
C PRO B 222 8.17 3.41 3.64
N LEU B 223 7.80 4.34 4.52
CA LEU B 223 8.17 5.74 4.29
C LEU B 223 9.68 5.92 4.25
N ARG B 224 10.38 5.34 5.23
CA ARG B 224 11.83 5.43 5.23
C ARG B 224 12.41 4.76 3.99
N ALA B 225 11.76 3.68 3.54
CA ALA B 225 12.21 3.02 2.32
C ALA B 225 12.07 3.94 1.10
N LEU B 226 10.94 4.64 0.99
CA LEU B 226 10.76 5.57 -0.12
C LEU B 226 11.81 6.67 -0.06
N TYR B 227 12.08 7.19 1.15
CA TYR B 227 13.07 8.24 1.30
C TYR B 227 14.44 7.76 0.84
N LEU B 228 14.84 6.58 1.30
CA LEU B 228 16.16 6.07 0.95
C LEU B 228 16.28 5.77 -0.54
N ILE B 229 15.23 5.20 -1.14
CA ILE B 229 15.26 4.93 -2.57
C ILE B 229 15.35 6.24 -3.34
N ALA B 230 14.62 7.26 -2.90
CA ALA B 230 14.62 8.54 -3.62
C ALA B 230 15.97 9.23 -3.53
N THR B 231 16.58 9.24 -2.35
CA THR B 231 17.81 10.01 -2.17
C THR B 231 19.04 9.23 -2.62
N ASN B 232 19.13 7.95 -2.25
CA ASN B 232 20.31 7.15 -2.56
C ASN B 232 20.10 6.17 -3.68
N GLY B 233 18.86 5.81 -3.98
CA GLY B 233 18.58 4.80 -4.97
C GLY B 233 18.69 3.41 -4.40
N THR B 234 19.92 2.98 -4.14
CA THR B 234 20.11 1.68 -3.55
C THR B 234 21.11 1.73 -2.45
N PRO B 235 20.88 0.83 -1.41
CA PRO B 235 21.89 0.85 -0.36
C PRO B 235 23.04 0.00 -0.84
N GLU B 236 24.20 0.15 -0.25
CA GLU B 236 25.34 -0.62 -0.66
C GLU B 236 25.09 -2.07 -0.35
N LEU B 237 25.72 -2.95 -1.11
CA LEU B 237 25.52 -4.37 -0.93
C LEU B 237 25.93 -4.73 0.47
N GLN B 238 25.18 -5.62 1.08
CA GLN B 238 25.48 -6.05 2.42
C GLN B 238 26.92 -6.56 2.46
N ASN B 239 27.32 -7.36 1.49
CA ASN B 239 28.68 -7.89 1.44
C ASN B 239 29.24 -7.88 0.05
N PRO B 240 29.67 -6.65 -0.42
CA PRO B 240 30.17 -6.64 -1.79
C PRO B 240 31.40 -7.49 -2.04
N GLU B 241 32.21 -7.76 -1.03
CA GLU B 241 33.40 -8.55 -1.30
C GLU B 241 33.05 -9.84 -2.05
N LYS B 242 31.85 -10.35 -1.83
CA LYS B 242 31.46 -11.67 -2.32
C LYS B 242 31.19 -11.67 -3.82
N LEU B 243 31.11 -10.50 -4.44
CA LEU B 243 30.63 -10.39 -5.81
C LEU B 243 31.78 -10.18 -6.77
N SER B 244 31.70 -10.83 -7.93
CA SER B 244 32.70 -10.65 -8.96
C SER B 244 32.56 -9.27 -9.59
N ALA B 245 33.64 -8.84 -10.25
CA ALA B 245 33.67 -7.52 -10.85
C ALA B 245 32.62 -7.37 -11.92
N ILE B 246 32.47 -8.38 -12.78
CA ILE B 246 31.50 -8.28 -13.87
C ILE B 246 30.08 -8.28 -13.32
N PHE B 247 29.83 -8.98 -12.22
CA PHE B 247 28.53 -8.93 -11.59
C PHE B 247 28.23 -7.55 -11.00
N ARG B 248 29.21 -6.94 -10.35
CA ARG B 248 29.02 -5.60 -9.84
C ARG B 248 28.77 -4.61 -10.98
N ASP B 249 29.48 -4.77 -12.09
CA ASP B 249 29.24 -3.88 -13.23
C ASP B 249 27.85 -4.08 -13.79
N PHE B 250 27.37 -5.32 -13.85
CA PHE B 250 25.99 -5.57 -14.26
C PHE B 250 25.02 -4.85 -13.34
N LEU B 251 25.23 -4.97 -12.03
CA LEU B 251 24.34 -4.31 -11.08
C LEU B 251 24.37 -2.80 -11.27
N ASN B 252 25.55 -2.23 -11.47
CA ASN B 252 25.66 -0.80 -11.70
C ASN B 252 24.91 -0.39 -12.96
N ARG B 253 25.03 -1.18 -14.03
CA ARG B 253 24.29 -0.86 -15.25
C ARG B 253 22.80 -0.99 -15.04
N CYS B 254 22.37 -1.79 -14.06
CA CYS B 254 20.94 -1.92 -13.81
C CYS B 254 20.42 -0.83 -12.86
N LEU B 255 21.25 -0.35 -11.95
CA LEU B 255 20.80 0.51 -10.85
C LEU B 255 21.36 1.92 -10.94
N GLU B 256 21.61 2.40 -12.14
CA GLU B 256 21.96 3.81 -12.34
C GLU B 256 20.74 4.69 -12.10
N MET B 257 20.89 5.69 -11.22
CA MET B 257 19.75 6.54 -10.90
C MET B 257 19.39 7.47 -12.05
N ASP B 258 20.32 7.70 -12.97
CA ASP B 258 20.01 8.50 -14.16
C ASP B 258 19.47 7.57 -15.24
N VAL B 259 18.26 7.84 -15.70
CA VAL B 259 17.58 6.92 -16.61
C VAL B 259 18.35 6.81 -17.92
N GLU B 260 18.90 7.94 -18.40
CA GLU B 260 19.66 7.89 -19.64
C GLU B 260 20.90 7.01 -19.53
N LYS B 261 21.63 7.10 -18.42
CA LYS B 261 22.80 6.26 -18.27
C LYS B 261 22.45 4.85 -17.84
N ARG B 262 21.21 4.60 -17.42
CA ARG B 262 20.79 3.23 -17.15
C ARG B 262 20.68 2.46 -18.47
N GLY B 263 20.76 1.14 -18.36
CA GLY B 263 20.74 0.32 -19.56
C GLY B 263 19.34 -0.08 -19.96
N SER B 264 19.18 -0.38 -21.25
CA SER B 264 17.95 -0.95 -21.76
C SER B 264 18.07 -2.47 -21.76
N ALA B 265 16.94 -3.13 -21.99
CA ALA B 265 16.94 -4.59 -22.04
C ALA B 265 17.81 -5.08 -23.19
N LYS B 266 17.68 -4.44 -24.35
CA LYS B 266 18.49 -4.83 -25.51
C LYS B 266 19.97 -4.62 -25.24
N GLU B 267 20.32 -3.51 -24.60
CA GLU B 267 21.71 -3.29 -24.23
C GLU B 267 22.19 -4.32 -23.22
N LEU B 268 21.38 -4.60 -22.21
CA LEU B 268 21.83 -5.46 -21.12
C LEU B 268 21.86 -6.93 -21.51
N LEU B 269 21.18 -7.32 -22.59
CA LEU B 269 21.31 -8.69 -23.05
C LEU B 269 22.70 -9.00 -23.60
N GLN B 270 23.48 -7.97 -23.94
CA GLN B 270 24.84 -8.15 -24.43
C GLN B 270 25.90 -8.00 -23.35
N HIS B 271 25.51 -7.85 -22.09
CA HIS B 271 26.48 -7.71 -21.02
C HIS B 271 27.28 -8.99 -20.88
N GLN B 272 28.54 -8.84 -20.46
CA GLN B 272 29.42 -10.00 -20.33
C GLN B 272 28.99 -10.91 -19.19
N PHE B 273 28.32 -10.35 -18.18
CA PHE B 273 27.92 -11.15 -17.02
C PHE B 273 27.02 -12.31 -17.44
N LEU B 274 26.06 -12.04 -18.31
CA LEU B 274 25.15 -13.09 -18.76
C LEU B 274 25.88 -14.19 -19.50
N LYS B 275 27.12 -13.95 -19.93
CA LYS B 275 27.85 -14.98 -20.65
C LYS B 275 28.45 -16.01 -19.72
N ILE B 276 28.36 -15.82 -18.39
CA ILE B 276 28.72 -16.88 -17.47
C ILE B 276 27.51 -17.72 -17.09
N ALA B 277 26.40 -17.57 -17.80
CA ALA B 277 25.16 -18.23 -17.39
C ALA B 277 25.27 -19.73 -17.55
N LYS B 278 24.87 -20.46 -16.53
CA LYS B 278 24.78 -21.90 -16.59
C LYS B 278 23.54 -22.30 -17.37
N PRO B 279 23.48 -23.54 -17.84
CA PRO B 279 22.24 -24.02 -18.47
C PRO B 279 21.09 -23.99 -17.50
N LEU B 280 19.87 -23.90 -18.05
CA LEU B 280 18.69 -23.78 -17.22
C LEU B 280 18.48 -24.98 -16.33
N SER B 281 18.98 -26.15 -16.71
CA SER B 281 18.89 -27.32 -15.85
C SER B 281 19.55 -27.10 -14.51
N SER B 282 20.54 -26.21 -14.44
CA SER B 282 21.20 -25.92 -13.17
C SER B 282 20.26 -25.28 -12.17
N LEU B 283 19.07 -24.85 -12.60
CA LEU B 283 18.09 -24.34 -11.67
C LEU B 283 17.26 -25.43 -11.02
N THR B 284 17.15 -26.60 -11.64
CA THR B 284 16.27 -27.64 -11.10
C THR B 284 16.66 -28.11 -9.71
N PRO B 285 17.94 -28.30 -9.35
CA PRO B 285 18.25 -28.59 -7.94
C PRO B 285 17.77 -27.53 -6.98
N LEU B 286 17.93 -26.26 -7.32
CA LEU B 286 17.44 -25.18 -6.47
C LEU B 286 15.96 -25.37 -6.19
N ILE B 287 15.18 -25.62 -7.22
CA ILE B 287 13.76 -25.86 -7.06
C ILE B 287 13.55 -26.99 -6.06
N ALA B 288 14.26 -28.10 -6.25
CA ALA B 288 14.14 -29.21 -5.32
C ALA B 288 14.41 -28.75 -3.90
N ALA B 289 15.51 -28.03 -3.70
CA ALA B 289 15.82 -27.54 -2.36
C ALA B 289 14.68 -26.70 -1.83
N ALA B 290 14.17 -25.79 -2.66
CA ALA B 290 13.06 -24.96 -2.21
C ALA B 290 11.88 -25.83 -1.80
N LYS B 291 11.55 -26.82 -2.62
CA LYS B 291 10.40 -27.65 -2.32
C LYS B 291 10.64 -28.50 -1.08
N GLU B 292 11.90 -28.80 -0.76
CA GLU B 292 12.17 -29.50 0.48
C GLU B 292 12.01 -28.58 1.68
N ALA B 293 12.42 -27.33 1.53
CA ALA B 293 12.37 -26.39 2.66
C ALA B 293 10.96 -25.86 2.90
N THR B 294 10.10 -25.94 1.88
CA THR B 294 8.73 -25.42 2.04
C THR B 294 7.75 -26.58 2.05
N LYS B 295 8.20 -27.74 2.53
CA LYS B 295 7.41 -28.96 2.54
C LYS B 295 6.19 -28.82 3.46
O1 107 C . -19.69 3.73 10.85
C2 107 C . -18.58 3.45 10.53
N3 107 C . -17.65 2.96 11.26
C4 107 C . -16.50 2.72 10.71
C5 107 C . -15.28 2.21 11.14
C6 107 C . -14.21 2.08 10.26
C7 107 C . -14.37 2.45 8.91
N8 107 C . -13.33 2.34 7.97
C9 107 C . -13.79 2.78 6.72
S10 107 C . -15.40 3.27 6.88
C11 107 C . -15.58 2.96 8.46
C12 107 C . -16.67 3.10 9.35
C13 107 C . -18.04 3.57 9.28
C14 107 C . -18.69 4.03 8.21
N15 107 C . -17.96 4.28 6.95
C16 107 C . -18.67 4.95 5.88
C17 107 C . -18.24 4.81 4.58
C18 107 C . -18.94 5.45 3.58
C19 107 C . -20.05 6.20 3.89
C20 107 C . -20.49 6.33 5.17
C21 107 C . -19.79 5.69 6.19
S22 107 C . -20.96 7.04 2.54
O23 107 C . -20.09 7.26 1.40
O24 107 C . -21.32 8.41 2.91
N25 107 C . -22.32 6.10 2.13
C27 107 C . -22.77 2.66 0.77
C28 107 C . -21.72 2.62 -0.11
C29 107 C . -20.89 3.69 -0.26
N30 107 C . -21.09 4.80 0.47
C31 107 C . -22.12 4.87 1.35
C32 107 C . -22.99 3.79 1.53
O1 107 D . 1.83 -21.23 -13.21
C2 107 D . 1.12 -20.32 -13.05
N3 107 D . 0.53 -19.63 -13.94
C4 107 D . -0.21 -18.66 -13.55
C5 107 D . -1.00 -17.72 -14.18
C6 107 D . -1.70 -16.78 -13.44
C7 107 D . -1.61 -16.79 -12.05
N8 107 D . -2.28 -15.87 -11.25
C9 107 D . -2.00 -16.11 -9.91
S10 107 D . -0.95 -17.43 -9.84
C11 107 D . -0.83 -17.72 -11.42
C12 107 D . -0.13 -18.67 -12.16
C13 107 D . 0.76 -19.76 -11.85
C14 107 D . 1.15 -20.18 -10.65
N15 107 D . 2.10 -21.31 -10.64
C16 107 D . 2.42 -22.00 -9.40
C17 107 D . 2.99 -23.24 -9.44
C18 107 D . 3.30 -23.88 -8.26
C19 107 D . 3.03 -23.25 -7.06
C20 107 D . 2.47 -22.01 -7.03
C21 107 D . 2.16 -21.36 -8.20
S22 107 D . 3.43 -24.09 -5.50
O23 107 D . 4.56 -23.48 -4.85
O24 107 D . 3.90 -25.42 -5.81
N25 107 D . 2.12 -24.13 -4.43
C27 107 D . -1.17 -25.84 -4.53
C28 107 D . -1.02 -26.54 -5.67
C29 107 D . 0.13 -26.45 -6.41
N30 107 D . 1.12 -25.68 -5.99
C31 107 D . 1.00 -24.98 -4.84
C32 107 D . -0.16 -25.04 -4.08
#